data_6H7Q
#
_entry.id   6H7Q
#
_entity_poly.entity_id   1
_entity_poly.type   'polypeptide(L)'
_entity_poly.pdbx_seq_one_letter_code
;SWTWENGKWTWK(NH2)
;
_entity_poly.pdbx_strand_id   A
#
# COMPACT_ATOMS: atom_id res chain seq x y z
N SER A 1 2.08 -8.62 -2.84
CA SER A 1 3.03 -7.74 -2.11
C SER A 1 2.32 -6.56 -1.48
N TRP A 2 3.08 -5.70 -0.82
CA TRP A 2 2.53 -4.53 -0.15
C TRP A 2 2.89 -3.24 -0.89
N THR A 3 1.88 -2.41 -1.14
CA THR A 3 2.08 -1.15 -1.83
C THR A 3 1.60 0.00 -0.95
N TRP A 4 2.44 1.00 -0.77
CA TRP A 4 2.10 2.15 0.05
C TRP A 4 1.52 3.26 -0.82
N GLU A 5 0.34 3.75 -0.44
CA GLU A 5 -0.32 4.80 -1.21
C GLU A 5 -1.03 5.83 -0.33
N ASN A 6 -0.72 7.11 -0.57
CA ASN A 6 -1.34 8.21 0.17
C ASN A 6 -1.41 7.96 1.67
N GLY A 7 -0.38 7.32 2.22
CA GLY A 7 -0.36 7.08 3.65
C GLY A 7 -1.05 5.79 4.07
N LYS A 8 -1.20 4.84 3.14
CA LYS A 8 -1.86 3.59 3.46
C LYS A 8 -1.24 2.41 2.71
N TRP A 9 -0.93 1.35 3.47
CA TRP A 9 -0.35 0.14 2.89
C TRP A 9 -1.45 -0.76 2.33
N THR A 10 -1.31 -1.15 1.06
CA THR A 10 -2.30 -2.01 0.42
C THR A 10 -1.64 -3.23 -0.21
N TRP A 11 -2.39 -4.34 -0.28
CA TRP A 11 -1.87 -5.57 -0.85
C TRP A 11 -2.20 -5.64 -2.34
N LYS A 12 -1.20 -5.32 -3.17
CA LYS A 12 -1.41 -5.34 -4.62
C LYS A 12 -0.07 -5.13 -5.34
N SER A 1 2.42 -8.59 -2.60
CA SER A 1 3.31 -7.56 -2.01
C SER A 1 2.50 -6.42 -1.40
N TRP A 2 3.20 -5.49 -0.76
CA TRP A 2 2.55 -4.35 -0.13
C TRP A 2 2.83 -3.06 -0.89
N THR A 3 1.77 -2.30 -1.17
CA THR A 3 1.90 -1.05 -1.87
C THR A 3 1.48 0.10 -0.97
N TRP A 4 2.32 1.12 -0.86
CA TRP A 4 2.03 2.25 -0.01
C TRP A 4 1.51 3.42 -0.85
N GLU A 5 0.36 3.97 -0.46
CA GLU A 5 -0.24 5.06 -1.21
C GLU A 5 -0.88 6.12 -0.30
N ASN A 6 -0.38 7.35 -0.40
CA ASN A 6 -0.91 8.46 0.38
C ASN A 6 -1.13 8.12 1.85
N GLY A 7 -0.26 7.31 2.43
CA GLY A 7 -0.41 6.96 3.83
C GLY A 7 -1.16 5.67 4.08
N LYS A 8 -1.23 4.79 3.09
CA LYS A 8 -1.95 3.53 3.26
C LYS A 8 -1.26 2.36 2.55
N TRP A 9 -1.09 1.27 3.28
CA TRP A 9 -0.47 0.06 2.74
C TRP A 9 -1.54 -0.87 2.18
N THR A 10 -1.38 -1.29 0.93
CA THR A 10 -2.35 -2.17 0.28
C THR A 10 -1.67 -3.39 -0.33
N TRP A 11 -2.34 -4.53 -0.27
CA TRP A 11 -1.80 -5.76 -0.84
C TRP A 11 -2.24 -5.94 -2.29
N LYS A 12 -1.33 -5.61 -3.21
CA LYS A 12 -1.63 -5.74 -4.63
C LYS A 12 -0.42 -5.37 -5.47
N SER A 1 2.51 -8.49 -2.56
CA SER A 1 3.38 -7.45 -1.97
C SER A 1 2.55 -6.32 -1.37
N TRP A 2 3.23 -5.38 -0.71
CA TRP A 2 2.56 -4.25 -0.08
C TRP A 2 2.85 -2.96 -0.83
N THR A 3 1.79 -2.22 -1.12
CA THR A 3 1.89 -0.94 -1.82
C THR A 3 1.47 0.20 -0.90
N TRP A 4 2.32 1.20 -0.78
CA TRP A 4 2.02 2.34 0.08
C TRP A 4 1.54 3.52 -0.76
N GLU A 5 0.39 4.08 -0.38
CA GLU A 5 -0.18 5.20 -1.12
C GLU A 5 -0.82 6.24 -0.22
N ASN A 6 -0.30 7.46 -0.27
CA ASN A 6 -0.83 8.57 0.51
C ASN A 6 -1.11 8.20 1.97
N GLY A 7 -0.25 7.36 2.55
CA GLY A 7 -0.44 6.99 3.95
C GLY A 7 -1.20 5.70 4.15
N LYS A 8 -1.25 4.84 3.13
CA LYS A 8 -1.98 3.58 3.27
C LYS A 8 -1.28 2.42 2.57
N TRP A 9 -1.14 1.31 3.29
CA TRP A 9 -0.51 0.10 2.76
C TRP A 9 -1.58 -0.84 2.18
N THR A 10 -1.40 -1.24 0.93
CA THR A 10 -2.36 -2.13 0.27
C THR A 10 -1.65 -3.35 -0.33
N TRP A 11 -2.34 -4.48 -0.32
CA TRP A 11 -1.79 -5.71 -0.87
C TRP A 11 -2.23 -5.91 -2.32
N LYS A 12 -1.32 -5.70 -3.25
CA LYS A 12 -1.62 -5.86 -4.67
C LYS A 12 -0.38 -5.63 -5.52
N SER A 1 2.67 -8.45 -2.48
CA SER A 1 3.51 -7.40 -1.86
C SER A 1 2.66 -6.28 -1.28
N TRP A 2 3.32 -5.33 -0.63
CA TRP A 2 2.63 -4.20 -0.02
C TRP A 2 2.89 -2.91 -0.78
N THR A 3 1.81 -2.19 -1.09
CA THR A 3 1.90 -0.93 -1.80
C THR A 3 1.48 0.21 -0.89
N TRP A 4 2.32 1.24 -0.80
CA TRP A 4 2.02 2.38 0.05
C TRP A 4 1.53 3.54 -0.80
N GLU A 5 0.39 4.12 -0.41
CA GLU A 5 -0.18 5.23 -1.15
C GLU A 5 -0.79 6.30 -0.24
N ASN A 6 -0.14 7.45 -0.21
CA ASN A 6 -0.60 8.59 0.58
C ASN A 6 -1.03 8.20 2.00
N GLY A 7 -0.24 7.36 2.66
CA GLY A 7 -0.56 7.00 4.03
C GLY A 7 -1.34 5.69 4.15
N LYS A 8 -1.29 4.83 3.14
CA LYS A 8 -2.02 3.57 3.20
C LYS A 8 -1.28 2.42 2.52
N TRP A 9 -1.19 1.30 3.24
CA TRP A 9 -0.53 0.09 2.73
C TRP A 9 -1.57 -0.85 2.15
N THR A 10 -1.38 -1.28 0.90
CA THR A 10 -2.32 -2.19 0.24
C THR A 10 -1.60 -3.40 -0.34
N TRP A 11 -2.31 -4.52 -0.39
CA TRP A 11 -1.73 -5.76 -0.94
C TRP A 11 -2.27 -6.02 -2.34
N LYS A 12 -1.46 -5.70 -3.35
CA LYS A 12 -1.85 -5.89 -4.73
C LYS A 12 -0.69 -5.60 -5.67
N SER A 1 2.29 -8.65 -2.84
CA SER A 1 3.17 -7.81 -2.00
C SER A 1 2.41 -6.62 -1.42
N TRP A 2 3.13 -5.77 -0.70
CA TRP A 2 2.52 -4.60 -0.08
C TRP A 2 2.96 -3.31 -0.78
N THR A 3 1.99 -2.48 -1.11
CA THR A 3 2.25 -1.21 -1.76
C THR A 3 1.71 -0.07 -0.91
N TRP A 4 2.54 0.92 -0.63
CA TRP A 4 2.12 2.05 0.18
C TRP A 4 1.54 3.16 -0.70
N GLU A 5 0.33 3.60 -0.36
CA GLU A 5 -0.34 4.63 -1.13
C GLU A 5 -1.13 5.60 -0.24
N ASN A 6 -1.11 6.88 -0.60
CA ASN A 6 -1.84 7.91 0.13
C ASN A 6 -1.68 7.77 1.64
N GLY A 7 -0.49 7.38 2.08
CA GLY A 7 -0.24 7.23 3.49
C GLY A 7 -0.80 5.95 4.08
N LYS A 8 -1.07 4.95 3.23
CA LYS A 8 -1.62 3.68 3.71
C LYS A 8 -1.06 2.50 2.93
N TRP A 9 -0.86 1.38 3.63
CA TRP A 9 -0.35 0.16 3.02
C TRP A 9 -1.47 -0.64 2.36
N THR A 10 -1.30 -0.97 1.09
CA THR A 10 -2.30 -1.73 0.36
C THR A 10 -1.69 -2.94 -0.33
N TRP A 11 -2.44 -4.04 -0.39
CA TRP A 11 -1.97 -5.27 -1.02
C TRP A 11 -2.31 -5.27 -2.50
N LYS A 12 -1.32 -4.97 -3.34
CA LYS A 12 -1.52 -4.93 -4.78
C LYS A 12 -0.23 -4.60 -5.50
N SER A 1 2.44 -8.50 -2.63
CA SER A 1 3.32 -7.46 -2.04
C SER A 1 2.51 -6.33 -1.42
N TRP A 2 3.21 -5.41 -0.77
CA TRP A 2 2.54 -4.27 -0.12
C TRP A 2 2.83 -2.98 -0.88
N THR A 3 1.77 -2.23 -1.16
CA THR A 3 1.88 -0.95 -1.86
C THR A 3 1.46 0.17 -0.94
N TRP A 4 2.30 1.20 -0.83
CA TRP A 4 2.01 2.33 0.04
C TRP A 4 1.50 3.50 -0.80
N GLU A 5 0.36 4.05 -0.41
CA GLU A 5 -0.22 5.17 -1.14
C GLU A 5 -0.87 6.21 -0.22
N ASN A 6 -0.36 7.44 -0.30
CA ASN A 6 -0.88 8.54 0.49
C ASN A 6 -1.12 8.19 1.96
N GLY A 7 -0.25 7.36 2.53
CA GLY A 7 -0.41 6.99 3.92
C GLY A 7 -1.16 5.70 4.16
N LYS A 8 -1.24 4.83 3.15
CA LYS A 8 -1.95 3.58 3.29
C LYS A 8 -1.26 2.41 2.59
N TRP A 9 -1.13 1.30 3.31
CA TRP A 9 -0.51 0.09 2.77
C TRP A 9 -1.57 -0.84 2.19
N THR A 10 -1.39 -1.24 0.94
CA THR A 10 -2.36 -2.13 0.28
C THR A 10 -1.68 -3.34 -0.34
N TRP A 11 -2.35 -4.48 -0.30
CA TRP A 11 -1.80 -5.72 -0.86
C TRP A 11 -2.24 -5.89 -2.31
N LYS A 12 -1.33 -5.57 -3.23
CA LYS A 12 -1.63 -5.69 -4.66
C LYS A 12 -0.39 -5.37 -5.50
N SER A 1 2.40 -8.55 -2.65
CA SER A 1 3.29 -7.53 -2.06
C SER A 1 2.49 -6.39 -1.44
N TRP A 2 3.19 -5.46 -0.80
CA TRP A 2 2.55 -4.32 -0.15
C TRP A 2 2.83 -3.03 -0.91
N THR A 3 1.77 -2.28 -1.19
CA THR A 3 1.89 -1.01 -1.89
C THR A 3 1.47 0.13 -0.98
N TRP A 4 2.31 1.15 -0.87
CA TRP A 4 2.02 2.28 -0.01
C TRP A 4 1.50 3.45 -0.85
N GLU A 5 0.35 3.99 -0.45
CA GLU A 5 -0.27 5.09 -1.20
C GLU A 5 -0.90 6.13 -0.28
N ASN A 6 -0.40 7.36 -0.37
CA ASN A 6 -0.93 8.48 0.40
C ASN A 6 -1.15 8.13 1.87
N GLY A 7 -0.27 7.32 2.45
CA GLY A 7 -0.40 6.98 3.86
C GLY A 7 -1.15 5.67 4.11
N LYS A 8 -1.22 4.80 3.11
CA LYS A 8 -1.93 3.53 3.30
C LYS A 8 -1.25 2.37 2.57
N TRP A 9 -1.06 1.27 3.30
CA TRP A 9 -0.45 0.07 2.75
C TRP A 9 -1.52 -0.86 2.19
N THR A 10 -1.38 -1.26 0.93
CA THR A 10 -2.35 -2.15 0.29
C THR A 10 -1.67 -3.36 -0.34
N TRP A 11 -2.35 -4.50 -0.31
CA TRP A 11 -1.82 -5.73 -0.89
C TRP A 11 -2.29 -5.90 -2.32
N LYS A 12 -1.41 -5.58 -3.26
CA LYS A 12 -1.73 -5.69 -4.68
C LYS A 12 -0.51 -5.42 -5.55
N SER A 1 2.43 -8.51 -2.68
CA SER A 1 3.32 -7.48 -2.09
C SER A 1 2.51 -6.36 -1.46
N TRP A 2 3.20 -5.42 -0.82
CA TRP A 2 2.56 -4.29 -0.17
C TRP A 2 2.82 -2.99 -0.92
N THR A 3 1.77 -2.25 -1.19
CA THR A 3 1.87 -0.97 -1.89
C THR A 3 1.45 0.17 -0.97
N TRP A 4 2.29 1.18 -0.86
CA TRP A 4 2.01 2.31 0.00
C TRP A 4 1.49 3.49 -0.83
N GLU A 5 0.35 4.04 -0.44
CA GLU A 5 -0.24 5.15 -1.18
C GLU A 5 -0.87 6.20 -0.25
N ASN A 6 -0.37 7.42 -0.33
CA ASN A 6 -0.89 8.53 0.46
C ASN A 6 -1.12 8.17 1.92
N GLY A 7 -0.25 7.34 2.49
CA GLY A 7 -0.40 6.98 3.89
C GLY A 7 -1.16 5.68 4.13
N LYS A 8 -1.23 4.81 3.12
CA LYS A 8 -1.95 3.55 3.27
C LYS A 8 -1.25 2.39 2.56
N TRP A 9 -1.10 1.28 3.29
CA TRP A 9 -0.47 0.08 2.75
C TRP A 9 -1.54 -0.85 2.19
N THR A 10 -1.38 -1.27 0.93
CA THR A 10 -2.35 -2.15 0.29
C THR A 10 -1.67 -3.37 -0.32
N TRP A 11 -2.37 -4.50 -0.34
CA TRP A 11 -1.83 -5.73 -0.91
C TRP A 11 -2.31 -5.93 -2.34
N LYS A 12 -1.43 -5.66 -3.30
CA LYS A 12 -1.76 -5.81 -4.71
C LYS A 12 -0.51 -5.73 -5.58
N SER A 1 2.28 -8.57 -2.73
CA SER A 1 3.19 -7.54 -2.16
C SER A 1 2.42 -6.40 -1.52
N TRP A 2 3.14 -5.49 -0.88
CA TRP A 2 2.53 -4.35 -0.22
C TRP A 2 2.81 -3.06 -0.97
N THR A 3 1.75 -2.28 -1.21
CA THR A 3 1.88 -1.01 -1.91
C THR A 3 1.46 0.12 -0.99
N TRP A 4 2.31 1.14 -0.87
CA TRP A 4 2.01 2.28 -0.02
C TRP A 4 1.48 3.43 -0.86
N GLU A 5 0.33 3.98 -0.46
CA GLU A 5 -0.27 5.08 -1.20
C GLU A 5 -0.91 6.12 -0.29
N ASN A 6 -0.41 7.35 -0.39
CA ASN A 6 -0.94 8.48 0.39
C ASN A 6 -1.15 8.13 1.86
N GLY A 7 -0.27 7.33 2.43
CA GLY A 7 -0.41 6.99 3.84
C GLY A 7 -1.15 5.69 4.11
N LYS A 8 -1.22 4.80 3.12
CA LYS A 8 -1.93 3.54 3.30
C LYS A 8 -1.26 2.38 2.58
N TRP A 9 -1.07 1.28 3.31
CA TRP A 9 -0.45 0.08 2.75
C TRP A 9 -1.54 -0.86 2.20
N THR A 10 -1.38 -1.25 0.95
CA THR A 10 -2.35 -2.14 0.31
C THR A 10 -1.68 -3.36 -0.30
N TRP A 11 -2.38 -4.49 -0.28
CA TRP A 11 -1.84 -5.74 -0.83
C TRP A 11 -2.25 -5.90 -2.29
N LYS A 12 -1.32 -5.59 -3.19
CA LYS A 12 -1.58 -5.69 -4.62
C LYS A 12 -0.31 -5.47 -5.43
N SER A 1 2.31 -8.53 -2.71
CA SER A 1 3.21 -7.52 -2.11
C SER A 1 2.44 -6.38 -1.48
N TRP A 2 3.15 -5.47 -0.83
CA TRP A 2 2.52 -4.33 -0.17
C TRP A 2 2.83 -3.03 -0.91
N THR A 3 1.78 -2.26 -1.18
CA THR A 3 1.93 -0.98 -1.86
C THR A 3 1.49 0.15 -0.96
N TRP A 4 2.33 1.16 -0.83
CA TRP A 4 2.03 2.30 0.02
C TRP A 4 1.48 3.45 -0.81
N GLU A 5 0.33 3.99 -0.41
CA GLU A 5 -0.29 5.08 -1.16
C GLU A 5 -0.93 6.11 -0.25
N ASN A 6 -0.45 7.36 -0.36
CA ASN A 6 -0.98 8.47 0.42
C ASN A 6 -1.19 8.14 1.89
N GLY A 7 -0.29 7.34 2.46
CA GLY A 7 -0.42 7.01 3.87
C GLY A 7 -1.15 5.71 4.15
N LYS A 8 -1.22 4.83 3.16
CA LYS A 8 -1.92 3.56 3.36
C LYS A 8 -1.25 2.40 2.63
N TRP A 9 -1.04 1.30 3.34
CA TRP A 9 -0.43 0.10 2.78
C TRP A 9 -1.52 -0.82 2.21
N THR A 10 -1.37 -1.21 0.96
CA THR A 10 -2.35 -2.08 0.31
C THR A 10 -1.68 -3.29 -0.33
N TRP A 11 -2.35 -4.44 -0.28
CA TRP A 11 -1.82 -5.67 -0.85
C TRP A 11 -2.23 -5.80 -2.32
N LYS A 12 -1.32 -5.47 -3.22
CA LYS A 12 -1.59 -5.54 -4.65
C LYS A 12 -0.35 -5.18 -5.46
N SER A 1 2.47 -8.61 -2.54
CA SER A 1 3.34 -7.57 -1.92
C SER A 1 2.52 -6.43 -1.34
N TRP A 2 3.21 -5.50 -0.70
CA TRP A 2 2.55 -4.35 -0.08
C TRP A 2 2.83 -3.07 -0.85
N THR A 3 1.78 -2.33 -1.15
CA THR A 3 1.90 -1.06 -1.87
C THR A 3 1.48 0.09 -0.97
N TRP A 4 2.33 1.10 -0.85
CA TRP A 4 2.02 2.24 -0.02
C TRP A 4 1.52 3.41 -0.86
N GLU A 5 0.36 3.96 -0.48
CA GLU A 5 -0.23 5.06 -1.23
C GLU A 5 -0.87 6.11 -0.32
N ASN A 6 -0.38 7.34 -0.41
CA ASN A 6 -0.91 8.45 0.36
C ASN A 6 -1.14 8.11 1.83
N GLY A 7 -0.26 7.29 2.42
CA GLY A 7 -0.42 6.96 3.82
C GLY A 7 -1.16 5.66 4.09
N LYS A 8 -1.23 4.78 3.10
CA LYS A 8 -1.94 3.51 3.31
C LYS A 8 -1.28 2.35 2.57
N TRP A 9 -1.07 1.25 3.30
CA TRP A 9 -0.47 0.04 2.74
C TRP A 9 -1.55 -0.88 2.18
N THR A 10 -1.40 -1.28 0.92
CA THR A 10 -2.37 -2.16 0.28
C THR A 10 -1.69 -3.37 -0.35
N TRP A 11 -2.33 -4.53 -0.25
CA TRP A 11 -1.78 -5.76 -0.82
C TRP A 11 -2.22 -5.92 -2.28
N LYS A 12 -1.31 -5.58 -3.19
CA LYS A 12 -1.60 -5.70 -4.62
C LYS A 12 -0.37 -5.31 -5.45
N SER A 1 2.19 -8.66 -3.00
CA SER A 1 3.09 -7.84 -2.14
C SER A 1 2.33 -6.66 -1.53
N TRP A 2 3.07 -5.83 -0.79
CA TRP A 2 2.49 -4.66 -0.15
C TRP A 2 2.94 -3.38 -0.82
N THR A 3 1.98 -2.52 -1.14
CA THR A 3 2.27 -1.24 -1.77
C THR A 3 1.70 -0.11 -0.93
N TRP A 4 2.52 0.88 -0.62
CA TRP A 4 2.07 2.00 0.19
C TRP A 4 1.52 3.11 -0.69
N GLU A 5 0.30 3.53 -0.38
CA GLU A 5 -0.36 4.59 -1.15
C GLU A 5 -1.18 5.52 -0.25
N ASN A 6 -1.27 6.78 -0.65
CA ASN A 6 -2.04 7.77 0.09
C ASN A 6 -1.80 7.69 1.59
N GLY A 7 -0.55 7.40 1.96
CA GLY A 7 -0.21 7.31 3.37
C GLY A 7 -0.69 6.03 4.04
N LYS A 8 -0.97 4.99 3.24
CA LYS A 8 -1.44 3.72 3.80
C LYS A 8 -0.87 2.53 3.03
N TRP A 9 -0.87 1.36 3.68
CA TRP A 9 -0.35 0.14 3.07
C TRP A 9 -1.49 -0.63 2.39
N THR A 10 -1.31 -0.95 1.11
CA THR A 10 -2.32 -1.69 0.36
C THR A 10 -1.70 -2.90 -0.33
N TRP A 11 -2.49 -3.97 -0.43
CA TRP A 11 -2.02 -5.20 -1.08
C TRP A 11 -2.33 -5.17 -2.58
N LYS A 12 -1.32 -4.87 -3.38
CA LYS A 12 -1.48 -4.81 -4.83
C LYS A 12 -0.13 -4.63 -5.52
N SER A 1 2.50 -8.58 -2.52
CA SER A 1 3.38 -7.54 -1.93
C SER A 1 2.55 -6.40 -1.33
N TRP A 2 3.25 -5.46 -0.68
CA TRP A 2 2.58 -4.33 -0.06
C TRP A 2 2.86 -3.04 -0.82
N THR A 3 1.81 -2.29 -1.12
CA THR A 3 1.93 -1.03 -1.82
C THR A 3 1.50 0.11 -0.91
N TRP A 4 2.34 1.13 -0.80
CA TRP A 4 2.03 2.27 0.04
C TRP A 4 1.54 3.44 -0.81
N GLU A 5 0.39 4.00 -0.45
CA GLU A 5 -0.18 5.11 -1.20
C GLU A 5 -0.83 6.15 -0.29
N ASN A 6 -0.32 7.37 -0.38
CA ASN A 6 -0.86 8.50 0.39
C ASN A 6 -1.12 8.15 1.86
N GLY A 7 -0.26 7.32 2.46
CA GLY A 7 -0.45 6.97 3.85
C GLY A 7 -1.20 5.68 4.07
N LYS A 8 -1.25 4.81 3.07
CA LYS A 8 -1.97 3.54 3.22
C LYS A 8 -1.27 2.38 2.53
N TRP A 9 -1.13 1.28 3.28
CA TRP A 9 -0.50 0.06 2.76
C TRP A 9 -1.56 -0.89 2.18
N THR A 10 -1.38 -1.30 0.94
CA THR A 10 -2.33 -2.20 0.29
C THR A 10 -1.64 -3.42 -0.30
N TRP A 11 -2.33 -4.56 -0.30
CA TRP A 11 -1.78 -5.78 -0.84
C TRP A 11 -2.23 -6.00 -2.29
N LYS A 12 -1.35 -5.67 -3.23
CA LYS A 12 -1.66 -5.83 -4.65
C LYS A 12 -0.46 -5.46 -5.51
N SER A 1 2.43 -8.59 -2.59
CA SER A 1 3.32 -7.58 -1.95
C SER A 1 2.51 -6.43 -1.36
N TRP A 2 3.21 -5.50 -0.71
CA TRP A 2 2.56 -4.36 -0.09
C TRP A 2 2.85 -3.08 -0.85
N THR A 3 1.80 -2.32 -1.13
CA THR A 3 1.94 -1.05 -1.85
C THR A 3 1.50 0.09 -0.95
N TRP A 4 2.35 1.11 -0.83
CA TRP A 4 2.04 2.25 0.01
C TRP A 4 1.51 3.41 -0.85
N GLU A 5 0.35 3.95 -0.45
CA GLU A 5 -0.25 5.03 -1.20
C GLU A 5 -0.90 6.09 -0.30
N ASN A 6 -0.41 7.31 -0.41
CA ASN A 6 -0.94 8.44 0.36
C ASN A 6 -1.16 8.11 1.83
N GLY A 7 -0.28 7.30 2.41
CA GLY A 7 -0.42 6.98 3.82
C GLY A 7 -1.16 5.68 4.09
N LYS A 8 -1.23 4.79 3.10
CA LYS A 8 -1.93 3.52 3.30
C LYS A 8 -1.26 2.36 2.58
N TRP A 9 -1.05 1.26 3.31
CA TRP A 9 -0.44 0.07 2.75
C TRP A 9 -1.51 -0.86 2.19
N THR A 10 -1.37 -1.27 0.93
CA THR A 10 -2.35 -2.15 0.30
C THR A 10 -1.67 -3.35 -0.34
N TRP A 11 -2.34 -4.51 -0.27
CA TRP A 11 -1.80 -5.73 -0.85
C TRP A 11 -2.24 -5.90 -2.30
N LYS A 12 -1.36 -5.56 -3.23
CA LYS A 12 -1.67 -5.67 -4.65
C LYS A 12 -0.42 -5.43 -5.50
N SER A 1 2.26 -8.71 -2.76
CA SER A 1 3.15 -7.86 -1.92
C SER A 1 2.41 -6.67 -1.35
N TRP A 2 3.13 -5.82 -0.63
CA TRP A 2 2.55 -4.64 -0.01
C TRP A 2 2.99 -3.37 -0.71
N THR A 3 2.02 -2.52 -1.04
CA THR A 3 2.31 -1.25 -1.69
C THR A 3 1.75 -0.11 -0.87
N TRP A 4 2.57 0.89 -0.59
CA TRP A 4 2.16 2.02 0.21
C TRP A 4 1.57 3.11 -0.69
N GLU A 5 0.35 3.55 -0.37
CA GLU A 5 -0.31 4.58 -1.17
C GLU A 5 -1.11 5.55 -0.30
N ASN A 6 -1.08 6.83 -0.67
CA ASN A 6 -1.81 7.86 0.04
C ASN A 6 -1.68 7.74 1.55
N GLY A 7 -0.50 7.34 2.02
CA GLY A 7 -0.28 7.21 3.44
C GLY A 7 -0.85 5.94 4.03
N LYS A 8 -1.10 4.93 3.18
CA LYS A 8 -1.66 3.67 3.66
C LYS A 8 -1.09 2.48 2.89
N TRP A 9 -0.86 1.38 3.62
CA TRP A 9 -0.32 0.16 3.02
C TRP A 9 -1.45 -0.65 2.38
N THR A 10 -1.27 -1.00 1.10
CA THR A 10 -2.28 -1.77 0.38
C THR A 10 -1.65 -2.99 -0.29
N TRP A 11 -2.42 -4.09 -0.36
CA TRP A 11 -1.93 -5.32 -0.97
C TRP A 11 -2.27 -5.34 -2.46
N LYS A 12 -1.27 -5.05 -3.29
CA LYS A 12 -1.46 -5.04 -4.74
C LYS A 12 -0.15 -4.76 -5.46
N SER A 1 2.42 -8.50 -2.64
CA SER A 1 3.31 -7.46 -2.06
C SER A 1 2.49 -6.33 -1.43
N TRP A 2 3.18 -5.40 -0.78
CA TRP A 2 2.54 -4.27 -0.13
C TRP A 2 2.81 -2.97 -0.88
N THR A 3 1.74 -2.22 -1.15
CA THR A 3 1.87 -0.95 -1.85
C THR A 3 1.45 0.18 -0.93
N TRP A 4 2.29 1.20 -0.82
CA TRP A 4 2.00 2.33 0.05
C TRP A 4 1.51 3.51 -0.79
N GLU A 5 0.36 4.07 -0.40
CA GLU A 5 -0.21 5.19 -1.14
C GLU A 5 -0.84 6.23 -0.21
N ASN A 6 -0.33 7.45 -0.28
CA ASN A 6 -0.84 8.56 0.51
C ASN A 6 -1.09 8.20 1.97
N GLY A 7 -0.24 7.36 2.54
CA GLY A 7 -0.41 6.98 3.93
C GLY A 7 -1.17 5.70 4.16
N LYS A 8 -1.24 4.83 3.13
CA LYS A 8 -1.97 3.58 3.28
C LYS A 8 -1.27 2.42 2.58
N TRP A 9 -1.15 1.30 3.30
CA TRP A 9 -0.52 0.09 2.77
C TRP A 9 -1.58 -0.84 2.19
N THR A 10 -1.41 -1.25 0.93
CA THR A 10 -2.37 -2.13 0.27
C THR A 10 -1.68 -3.35 -0.33
N TRP A 11 -2.35 -4.50 -0.27
CA TRP A 11 -1.80 -5.73 -0.82
C TRP A 11 -2.21 -5.91 -2.28
N LYS A 12 -1.27 -5.63 -3.18
CA LYS A 12 -1.53 -5.76 -4.62
C LYS A 12 -0.26 -5.48 -5.42
N SER A 1 2.28 -8.68 -2.71
CA SER A 1 3.18 -7.79 -1.93
C SER A 1 2.42 -6.61 -1.34
N TRP A 2 3.14 -5.74 -0.65
CA TRP A 2 2.54 -4.57 -0.03
C TRP A 2 2.95 -3.29 -0.74
N THR A 3 1.97 -2.46 -1.07
CA THR A 3 2.22 -1.19 -1.74
C THR A 3 1.69 -0.05 -0.89
N TRP A 4 2.52 0.95 -0.64
CA TRP A 4 2.12 2.08 0.17
C TRP A 4 1.57 3.19 -0.71
N GLU A 5 0.36 3.66 -0.39
CA GLU A 5 -0.29 4.71 -1.17
C GLU A 5 -1.06 5.69 -0.29
N ASN A 6 -0.92 6.97 -0.60
CA ASN A 6 -1.62 8.03 0.12
C ASN A 6 -1.56 7.84 1.64
N GLY A 7 -0.43 7.34 2.13
CA GLY A 7 -0.29 7.16 3.57
C GLY A 7 -0.91 5.87 4.07
N LYS A 8 -1.14 4.90 3.18
CA LYS A 8 -1.74 3.64 3.59
C LYS A 8 -1.16 2.44 2.83
N TRP A 9 -0.91 1.36 3.55
CA TRP A 9 -0.36 0.13 2.98
C TRP A 9 -1.47 -0.69 2.34
N THR A 10 -1.30 -1.05 1.06
CA THR A 10 -2.30 -1.84 0.35
C THR A 10 -1.66 -3.07 -0.30
N TRP A 11 -2.40 -4.18 -0.32
CA TRP A 11 -1.91 -5.41 -0.92
C TRP A 11 -2.24 -5.46 -2.41
N LYS A 12 -1.25 -5.15 -3.24
CA LYS A 12 -1.44 -5.15 -4.69
C LYS A 12 -0.15 -4.82 -5.41
N SER A 1 2.37 -8.57 -2.67
CA SER A 1 3.27 -7.53 -2.08
C SER A 1 2.47 -6.40 -1.46
N TRP A 2 3.18 -5.48 -0.82
CA TRP A 2 2.54 -4.34 -0.17
C TRP A 2 2.82 -3.04 -0.93
N THR A 3 1.76 -2.29 -1.19
CA THR A 3 1.89 -1.02 -1.89
C THR A 3 1.46 0.13 -0.98
N TRP A 4 2.31 1.14 -0.87
CA TRP A 4 2.01 2.27 -0.01
C TRP A 4 1.49 3.43 -0.85
N GLU A 5 0.35 3.99 -0.46
CA GLU A 5 -0.26 5.08 -1.20
C GLU A 5 -0.89 6.13 -0.28
N ASN A 6 -0.39 7.37 -0.39
CA ASN A 6 -0.92 8.48 0.39
C ASN A 6 -1.13 8.14 1.87
N GLY A 7 -0.26 7.32 2.45
CA GLY A 7 -0.40 6.98 3.85
C GLY A 7 -1.15 5.69 4.10
N LYS A 8 -1.22 4.80 3.11
CA LYS A 8 -1.94 3.55 3.29
C LYS A 8 -1.26 2.37 2.57
N TRP A 9 -1.08 1.27 3.30
CA TRP A 9 -0.47 0.07 2.76
C TRP A 9 -1.54 -0.87 2.19
N THR A 10 -1.38 -1.26 0.94
CA THR A 10 -2.37 -2.15 0.30
C THR A 10 -1.69 -3.37 -0.32
N TRP A 11 -2.37 -4.50 -0.29
CA TRP A 11 -1.83 -5.74 -0.85
C TRP A 11 -2.26 -5.91 -2.30
N LYS A 12 -1.33 -5.65 -3.22
CA LYS A 12 -1.62 -5.77 -4.64
C LYS A 12 -0.37 -5.51 -5.48
N SER A 1 2.20 -8.71 -2.82
CA SER A 1 3.11 -7.87 -1.99
C SER A 1 2.37 -6.68 -1.40
N TRP A 2 3.12 -5.84 -0.68
CA TRP A 2 2.54 -4.66 -0.06
C TRP A 2 2.98 -3.39 -0.76
N THR A 3 2.02 -2.53 -1.08
CA THR A 3 2.29 -1.27 -1.73
C THR A 3 1.73 -0.12 -0.90
N TRP A 4 2.57 0.87 -0.63
CA TRP A 4 2.13 2.01 0.17
C TRP A 4 1.56 3.09 -0.72
N GLU A 5 0.34 3.53 -0.39
CA GLU A 5 -0.33 4.55 -1.19
C GLU A 5 -1.14 5.52 -0.31
N ASN A 6 -1.12 6.80 -0.69
CA ASN A 6 -1.87 7.83 0.02
C ASN A 6 -1.70 7.72 1.54
N GLY A 7 -0.52 7.34 1.98
CA GLY A 7 -0.27 7.22 3.41
C GLY A 7 -0.82 5.94 4.01
N LYS A 8 -1.08 4.93 3.18
CA LYS A 8 -1.62 3.66 3.67
C LYS A 8 -1.05 2.47 2.90
N TRP A 9 -0.83 1.37 3.62
CA TRP A 9 -0.31 0.14 3.02
C TRP A 9 -1.43 -0.66 2.38
N THR A 10 -1.27 -1.02 1.10
CA THR A 10 -2.27 -1.78 0.39
C THR A 10 -1.65 -3.01 -0.28
N TRP A 11 -2.43 -4.08 -0.37
CA TRP A 11 -1.95 -5.32 -0.99
C TRP A 11 -2.30 -5.35 -2.48
N LYS A 12 -1.31 -5.03 -3.31
CA LYS A 12 -1.51 -5.01 -4.76
C LYS A 12 -0.20 -4.82 -5.49
N SER A 1 2.36 -8.57 -2.64
CA SER A 1 3.26 -7.60 -1.97
C SER A 1 2.47 -6.44 -1.37
N TRP A 2 3.17 -5.53 -0.72
CA TRP A 2 2.54 -4.38 -0.09
C TRP A 2 2.86 -3.09 -0.85
N THR A 3 1.82 -2.29 -1.10
CA THR A 3 1.98 -1.04 -1.80
C THR A 3 1.53 0.12 -0.91
N TRP A 4 2.38 1.13 -0.77
CA TRP A 4 2.06 2.27 0.07
C TRP A 4 1.51 3.41 -0.79
N GLU A 5 0.35 3.95 -0.40
CA GLU A 5 -0.28 5.01 -1.17
C GLU A 5 -0.92 6.07 -0.27
N ASN A 6 -0.46 7.30 -0.40
CA ASN A 6 -1.00 8.43 0.36
C ASN A 6 -1.21 8.11 1.84
N GLY A 7 -0.32 7.33 2.43
CA GLY A 7 -0.45 7.02 3.84
C GLY A 7 -1.17 5.73 4.14
N LYS A 8 -1.24 4.83 3.16
CA LYS A 8 -1.93 3.55 3.38
C LYS A 8 -1.27 2.39 2.64
N TRP A 9 -1.02 1.30 3.37
CA TRP A 9 -0.42 0.10 2.80
C TRP A 9 -1.50 -0.81 2.23
N THR A 10 -1.36 -1.20 0.97
CA THR A 10 -2.34 -2.07 0.33
C THR A 10 -1.67 -3.27 -0.33
N TRP A 11 -2.33 -4.43 -0.25
CA TRP A 11 -1.79 -5.65 -0.84
C TRP A 11 -2.20 -5.77 -2.30
N LYS A 12 -1.26 -5.43 -3.20
CA LYS A 12 -1.52 -5.49 -4.63
C LYS A 12 -0.28 -5.12 -5.42
#